data_9I1G
#
_entry.id   9I1G
#
_cell.length_a   32.580
_cell.length_b   58.280
_cell.length_c   41.660
_cell.angle_alpha   90.00
_cell.angle_beta   91.59
_cell.angle_gamma   90.00
#
_symmetry.space_group_name_H-M   'P 1 2 1'
#
loop_
_entity.id
_entity.type
_entity.pdbx_description
1 polymer 'Protein S100'
2 non-polymer 'MAGNESIUM ION'
3 water water
#
_entity_poly.entity_id   1
_entity_poly.type   'polypeptide(L)'
_entity_poly.pdbx_seq_one_letter_code
;GAMSGKMSDTQKAMAMLIATFHKYSGKEGDKLTLSKGELKELLTAEMSDVFGKTTDKASLDNIFKDLDANADGSVDFQEY
ITLIACITMLCNEFFQKGK
;
_entity_poly.pdbx_strand_id   A,B
#
loop_
_chem_comp.id
_chem_comp.type
_chem_comp.name
_chem_comp.formula
MG non-polymer 'MAGNESIUM ION' 'Mg 2'
#
# COMPACT_ATOMS: atom_id res chain seq x y z
N MET A 7 -5.94 16.33 -1.86
CA MET A 7 -4.61 15.80 -2.13
C MET A 7 -4.21 15.96 -3.59
N SER A 8 -3.11 16.67 -3.83
CA SER A 8 -2.60 16.78 -5.18
C SER A 8 -2.00 15.45 -5.63
N ASP A 9 -1.77 15.36 -6.95
CA ASP A 9 -1.11 14.16 -7.49
C ASP A 9 0.25 13.95 -6.86
N THR A 10 0.99 15.03 -6.63
CA THR A 10 2.30 14.92 -5.99
C THR A 10 2.17 14.40 -4.57
N GLN A 11 1.18 14.88 -3.82
CA GLN A 11 0.98 14.41 -2.46
C GLN A 11 0.53 12.96 -2.44
N LYS A 12 -0.31 12.55 -3.40
CA LYS A 12 -0.74 11.16 -3.46
C LYS A 12 0.42 10.25 -3.80
N ALA A 13 1.25 10.65 -4.76
CA ALA A 13 2.41 9.83 -5.11
C ALA A 13 3.36 9.69 -3.93
N MET A 14 3.60 10.77 -3.19
CA MET A 14 4.48 10.67 -2.03
CA MET A 14 4.48 10.68 -2.03
C MET A 14 3.90 9.77 -0.97
N ALA A 15 2.58 9.83 -0.76
CA ALA A 15 1.94 8.96 0.21
C ALA A 15 2.14 7.49 -0.16
N MET A 16 2.07 7.18 -1.45
CA MET A 16 2.29 5.81 -1.90
C MET A 16 3.74 5.38 -1.68
N LEU A 17 4.69 6.26 -1.99
CA LEU A 17 6.10 5.91 -1.80
C LEU A 17 6.42 5.71 -0.33
N ILE A 18 5.84 6.55 0.54
CA ILE A 18 6.03 6.39 1.98
C ILE A 18 5.44 5.06 2.44
N ALA A 19 4.27 4.69 1.91
CA ALA A 19 3.62 3.44 2.31
C ALA A 19 4.48 2.23 1.95
N THR A 20 5.12 2.25 0.78
CA THR A 20 5.98 1.15 0.39
C THR A 20 7.20 1.06 1.30
N PHE A 21 7.78 2.22 1.62
CA PHE A 21 8.88 2.27 2.58
C PHE A 21 8.47 1.68 3.92
N HIS A 22 7.24 1.97 4.37
CA HIS A 22 6.76 1.47 5.65
C HIS A 22 6.61 -0.04 5.67
N LYS A 23 6.26 -0.65 4.53
CA LYS A 23 6.05 -2.09 4.48
C LYS A 23 7.31 -2.86 4.88
N TYR A 24 8.48 -2.32 4.54
CA TYR A 24 9.75 -3.00 4.78
C TYR A 24 10.51 -2.46 5.98
N SER A 25 10.44 -1.15 6.22
CA SER A 25 11.03 -0.56 7.41
C SER A 25 10.10 -0.82 8.59
N GLY A 26 10.34 -0.15 9.69
CA GLY A 26 9.37 -0.12 10.76
C GLY A 26 8.32 0.95 10.54
N LYS A 27 7.25 0.85 11.32
CA LYS A 27 6.33 1.96 11.51
C LYS A 27 6.32 2.42 12.96
N GLU A 28 7.06 1.73 13.83
CA GLU A 28 7.09 2.01 15.26
C GLU A 28 8.44 2.51 15.74
N GLY A 29 9.46 2.51 14.88
CA GLY A 29 10.75 3.04 15.26
C GLY A 29 10.74 4.56 15.31
N ASP A 30 11.69 5.11 16.08
CA ASP A 30 11.79 6.56 16.20
C ASP A 30 12.17 7.20 14.87
N LYS A 31 13.11 6.60 14.15
CA LYS A 31 13.54 7.07 12.83
C LYS A 31 13.45 5.89 11.88
N LEU A 32 12.57 6.00 10.89
CA LEU A 32 12.32 4.86 10.00
C LEU A 32 13.47 4.70 9.02
N THR A 33 14.07 3.52 9.01
CA THR A 33 15.19 3.21 8.14
C THR A 33 15.01 1.82 7.57
N LEU A 34 15.75 1.55 6.50
CA LEU A 34 15.80 0.22 5.90
C LEU A 34 17.19 -0.35 6.10
N SER A 35 17.25 -1.59 6.58
CA SER A 35 18.51 -2.31 6.56
C SER A 35 18.83 -2.77 5.14
N LYS A 36 20.04 -3.29 4.98
CA LYS A 36 20.49 -3.73 3.66
C LYS A 36 19.58 -4.81 3.10
N GLY A 37 19.28 -5.83 3.90
CA GLY A 37 18.40 -6.89 3.47
C GLY A 37 16.99 -6.41 3.18
N GLU A 38 16.53 -5.39 3.91
CA GLU A 38 15.19 -4.87 3.68
C GLU A 38 15.10 -4.10 2.39
N LEU A 39 16.13 -3.29 2.09
CA LEU A 39 16.14 -2.56 0.83
C LEU A 39 16.18 -3.51 -0.35
N LYS A 40 16.97 -4.59 -0.22
CA LYS A 40 17.06 -5.56 -1.31
C LYS A 40 15.71 -6.20 -1.59
N GLU A 41 14.97 -6.57 -0.54
CA GLU A 41 13.64 -7.13 -0.74
C GLU A 41 12.71 -6.12 -1.40
N LEU A 42 12.79 -4.86 -0.98
CA LEU A 42 11.93 -3.82 -1.55
C LEU A 42 12.19 -3.66 -3.04
N LEU A 43 13.46 -3.59 -3.43
CA LEU A 43 13.80 -3.33 -4.82
C LEU A 43 13.35 -4.47 -5.73
N THR A 44 13.54 -5.72 -5.28
CA THR A 44 13.17 -6.87 -6.09
CA THR A 44 13.17 -6.87 -6.10
C THR A 44 11.65 -7.00 -6.24
N ALA A 45 10.90 -6.53 -5.24
CA ALA A 45 9.45 -6.62 -5.30
C ALA A 45 8.79 -5.43 -5.98
N GLU A 46 9.38 -4.24 -5.88
CA GLU A 46 8.76 -3.02 -6.40
C GLU A 46 9.38 -2.53 -7.69
N MET A 47 10.62 -2.89 -8.00
CA MET A 47 11.23 -2.54 -9.26
C MET A 47 11.61 -3.82 -9.98
N SER A 48 10.64 -4.71 -10.18
CA SER A 48 10.91 -6.09 -10.59
C SER A 48 11.35 -6.21 -12.04
N ASP A 49 11.21 -5.17 -12.85
CA ASP A 49 11.71 -5.21 -14.23
C ASP A 49 13.09 -4.57 -14.38
N VAL A 50 13.58 -3.91 -13.34
CA VAL A 50 14.96 -3.44 -13.29
C VAL A 50 15.82 -4.33 -12.39
N PHE A 51 15.29 -4.74 -11.25
CA PHE A 51 15.91 -5.73 -10.38
C PHE A 51 15.05 -6.99 -10.36
N GLY A 52 15.71 -8.13 -10.26
CA GLY A 52 15.02 -9.38 -10.02
C GLY A 52 15.79 -10.18 -9.00
N LYS A 53 15.13 -11.23 -8.46
CA LYS A 53 15.86 -12.12 -7.57
C LYS A 53 17.00 -12.84 -8.29
N THR A 54 17.10 -12.67 -9.60
CA THR A 54 18.21 -13.18 -10.39
C THR A 54 19.38 -12.21 -10.47
N THR A 55 19.14 -10.93 -10.19
CA THR A 55 20.21 -9.93 -10.24
CA THR A 55 20.23 -9.95 -10.26
C THR A 55 21.32 -10.30 -9.26
N ASP A 56 22.55 -9.94 -9.61
CA ASP A 56 23.69 -10.23 -8.76
C ASP A 56 23.50 -9.60 -7.38
N LYS A 57 23.63 -10.42 -6.34
CA LYS A 57 23.58 -9.88 -4.98
C LYS A 57 24.71 -8.89 -4.74
N ALA A 58 25.82 -9.05 -5.48
CA ALA A 58 26.91 -8.08 -5.38
C ALA A 58 26.49 -6.72 -5.93
N SER A 59 25.68 -6.71 -6.99
CA SER A 59 25.19 -5.45 -7.53
C SER A 59 24.36 -4.71 -6.49
N LEU A 60 23.41 -5.42 -5.86
CA LEU A 60 22.58 -4.80 -4.83
C LEU A 60 23.42 -4.35 -3.65
N ASP A 61 24.44 -5.14 -3.27
CA ASP A 61 25.26 -4.78 -2.12
C ASP A 61 26.08 -3.52 -2.39
N ASN A 62 26.57 -3.35 -3.61
CA ASN A 62 27.34 -2.15 -3.94
C ASN A 62 26.46 -0.93 -4.01
N ILE A 63 25.22 -1.08 -4.50
CA ILE A 63 24.27 0.03 -4.48
C ILE A 63 24.00 0.50 -3.05
N PHE A 64 23.79 -0.45 -2.13
CA PHE A 64 23.49 -0.09 -0.76
C PHE A 64 24.67 0.62 -0.10
N LYS A 65 25.89 0.13 -0.34
CA LYS A 65 27.05 0.76 0.26
C LYS A 65 27.24 2.19 -0.22
N ASP A 66 26.88 2.48 -1.47
CA ASP A 66 27.00 3.86 -1.95
C ASP A 66 25.86 4.73 -1.43
N LEU A 67 24.70 4.14 -1.17
CA LEU A 67 23.58 4.89 -0.61
C LEU A 67 23.79 5.17 0.87
N ASP A 68 24.21 4.15 1.62
CA ASP A 68 24.44 4.24 3.05
C ASP A 68 25.69 5.08 3.29
N ALA A 69 25.50 6.41 3.22
CA ALA A 69 26.64 7.32 3.23
C ALA A 69 27.35 7.34 4.58
N ASN A 70 26.61 7.19 5.67
CA ASN A 70 27.21 7.18 7.01
C ASN A 70 27.68 5.80 7.43
N ALA A 71 27.49 4.78 6.59
CA ALA A 71 28.07 3.45 6.79
C ALA A 71 27.55 2.79 8.07
N ASP A 72 26.32 3.07 8.47
CA ASP A 72 25.74 2.46 9.65
C ASP A 72 24.92 1.22 9.35
N GLY A 73 24.78 0.86 8.07
CA GLY A 73 23.99 -0.29 7.70
C GLY A 73 22.52 -0.02 7.48
N SER A 74 22.12 1.25 7.42
CA SER A 74 20.73 1.63 7.22
C SER A 74 20.66 2.81 6.25
N VAL A 75 19.56 2.90 5.52
CA VAL A 75 19.27 4.05 4.68
C VAL A 75 17.93 4.63 5.13
N ASP A 76 17.79 5.95 5.02
CA ASP A 76 16.54 6.58 5.41
C ASP A 76 15.67 6.84 4.19
N PHE A 77 14.52 7.49 4.42
CA PHE A 77 13.57 7.68 3.33
C PHE A 77 14.15 8.58 2.25
N GLN A 78 14.87 9.63 2.64
CA GLN A 78 15.41 10.55 1.65
C GLN A 78 16.43 9.85 0.75
N GLU A 79 17.30 9.04 1.34
CA GLU A 79 18.27 8.29 0.54
C GLU A 79 17.56 7.28 -0.37
N TYR A 80 16.55 6.60 0.16
CA TYR A 80 15.81 5.62 -0.63
C TYR A 80 15.18 6.25 -1.86
N ILE A 81 14.49 7.38 -1.68
CA ILE A 81 13.80 8.00 -2.81
CA ILE A 81 13.80 8.01 -2.79
C ILE A 81 14.79 8.56 -3.82
N THR A 82 15.95 9.04 -3.36
CA THR A 82 16.98 9.44 -4.31
C THR A 82 17.38 8.27 -5.18
N LEU A 83 17.50 7.08 -4.60
CA LEU A 83 17.82 5.89 -5.38
C LEU A 83 16.73 5.58 -6.40
N ILE A 84 15.47 5.57 -5.94
CA ILE A 84 14.36 5.24 -6.84
C ILE A 84 14.29 6.24 -7.99
N ALA A 85 14.42 7.53 -7.68
CA ALA A 85 14.37 8.55 -8.71
C ALA A 85 15.53 8.38 -9.70
N CYS A 86 16.69 7.97 -9.20
CA CYS A 86 17.85 7.79 -10.08
C CYS A 86 17.68 6.56 -10.97
N ILE A 87 17.10 5.49 -10.44
CA ILE A 87 16.90 4.28 -11.24
C ILE A 87 15.86 4.53 -12.32
N THR A 88 14.80 5.26 -11.99
CA THR A 88 13.72 5.53 -12.93
C THR A 88 14.20 6.42 -14.07
N MET A 89 14.44 7.70 -13.75
CA MET A 89 14.99 8.65 -14.72
C MET A 89 16.51 8.56 -14.58
N LEU A 90 17.10 7.62 -15.34
CA LEU A 90 18.49 7.20 -15.18
C LEU A 90 19.44 8.39 -15.03
N CYS A 91 19.98 8.58 -13.82
CA CYS A 91 20.79 9.75 -13.51
CA CYS A 91 20.76 9.77 -13.56
C CYS A 91 22.14 9.67 -14.21
N ASN A 92 22.53 10.77 -14.85
CA ASN A 92 23.86 10.86 -15.44
C ASN A 92 24.95 10.88 -14.38
N GLU A 93 24.57 11.14 -13.12
CA GLU A 93 25.52 11.03 -12.02
C GLU A 93 26.07 9.62 -11.89
N PHE A 94 25.31 8.62 -12.33
CA PHE A 94 25.84 7.26 -12.43
C PHE A 94 27.03 7.15 -13.37
N PHE A 95 27.37 8.23 -14.09
CA PHE A 95 28.49 8.21 -15.03
C PHE A 95 29.40 9.42 -14.84
N LYS B 6 -24.49 -27.67 -5.20
CA LYS B 6 -25.03 -26.44 -4.64
C LYS B 6 -24.04 -25.80 -3.67
N MET B 7 -24.16 -24.49 -3.49
CA MET B 7 -23.22 -23.76 -2.66
C MET B 7 -23.50 -24.00 -1.18
N SER B 8 -22.43 -24.10 -0.39
CA SER B 8 -22.59 -24.08 1.06
C SER B 8 -22.97 -22.68 1.50
N ASP B 9 -23.33 -22.56 2.79
CA ASP B 9 -23.64 -21.25 3.34
C ASP B 9 -22.47 -20.30 3.18
N THR B 10 -21.25 -20.77 3.43
CA THR B 10 -20.07 -19.92 3.30
C THR B 10 -19.88 -19.45 1.86
N GLN B 11 -20.04 -20.36 0.90
CA GLN B 11 -19.89 -20.00 -0.50
C GLN B 11 -20.97 -19.00 -0.94
N LYS B 12 -22.21 -19.22 -0.50
CA LYS B 12 -23.28 -18.29 -0.85
C LYS B 12 -23.02 -16.91 -0.27
N ALA B 13 -22.60 -16.86 1.00
CA ALA B 13 -22.35 -15.56 1.63
C ALA B 13 -21.22 -14.82 0.93
N MET B 14 -20.15 -15.53 0.57
CA MET B 14 -19.04 -14.87 -0.13
C MET B 14 -19.49 -14.39 -1.50
N ALA B 15 -20.33 -15.18 -2.19
CA ALA B 15 -20.84 -14.75 -3.48
C ALA B 15 -21.66 -13.47 -3.36
N MET B 16 -22.45 -13.35 -2.28
CA MET B 16 -23.22 -12.12 -2.06
C MET B 16 -22.29 -10.94 -1.76
N LEU B 17 -21.26 -11.17 -0.93
CA LEU B 17 -20.32 -10.10 -0.63
C LEU B 17 -19.58 -9.66 -1.89
N ILE B 18 -19.18 -10.62 -2.73
CA ILE B 18 -18.49 -10.28 -3.97
C ILE B 18 -19.41 -9.52 -4.90
N ALA B 19 -20.68 -9.94 -4.99
CA ALA B 19 -21.62 -9.27 -5.89
C ALA B 19 -21.81 -7.81 -5.51
N THR B 20 -21.90 -7.53 -4.21
CA THR B 20 -22.03 -6.14 -3.76
C THR B 20 -20.77 -5.35 -4.05
N PHE B 21 -19.61 -5.95 -3.80
CA PHE B 21 -18.34 -5.31 -4.11
C PHE B 21 -18.24 -4.98 -5.60
N HIS B 22 -18.71 -5.89 -6.46
CA HIS B 22 -18.69 -5.65 -7.90
C HIS B 22 -19.56 -4.46 -8.27
N LYS B 23 -20.69 -4.29 -7.58
CA LYS B 23 -21.64 -3.25 -7.94
C LYS B 23 -21.02 -1.87 -7.79
N TYR B 24 -20.16 -1.70 -6.79
CA TYR B 24 -19.60 -0.39 -6.44
C TYR B 24 -18.16 -0.20 -6.87
N SER B 25 -17.43 -1.28 -7.16
CA SER B 25 -16.01 -1.16 -7.42
C SER B 25 -15.73 -0.82 -8.88
N GLY B 26 -14.48 -0.44 -9.13
CA GLY B 26 -14.02 -0.21 -10.49
C GLY B 26 -12.71 -0.92 -10.72
N LYS B 27 -12.38 -1.08 -12.00
CA LYS B 27 -11.18 -1.82 -12.39
C LYS B 27 -9.98 -0.88 -12.39
N GLU B 28 -8.89 -1.31 -11.75
CA GLU B 28 -7.67 -0.52 -11.66
C GLU B 28 -6.50 -1.49 -11.78
N GLY B 29 -5.78 -1.40 -12.89
CA GLY B 29 -4.77 -2.41 -13.16
C GLY B 29 -5.45 -3.72 -13.51
N ASP B 30 -5.03 -4.80 -12.84
CA ASP B 30 -5.59 -6.12 -13.06
CA ASP B 30 -5.64 -6.09 -13.11
C ASP B 30 -6.78 -6.43 -12.15
N LYS B 31 -6.92 -5.69 -11.05
CA LYS B 31 -7.87 -6.03 -10.00
C LYS B 31 -8.96 -4.97 -9.85
N LEU B 32 -10.06 -5.38 -9.20
CA LEU B 32 -11.14 -4.48 -8.83
C LEU B 32 -10.86 -3.87 -7.45
N THR B 33 -11.08 -2.57 -7.34
CA THR B 33 -10.84 -1.88 -6.09
C THR B 33 -11.97 -0.89 -5.81
N LEU B 34 -12.03 -0.43 -4.57
CA LEU B 34 -13.01 0.54 -4.12
CA LEU B 34 -13.02 0.53 -4.13
C LEU B 34 -12.27 1.77 -3.64
N SER B 35 -12.53 2.91 -4.28
CA SER B 35 -12.03 4.16 -3.74
C SER B 35 -12.82 4.53 -2.49
N LYS B 36 -12.30 5.50 -1.72
CA LYS B 36 -13.02 5.91 -0.53
C LYS B 36 -14.41 6.44 -0.87
N GLY B 37 -14.53 7.19 -1.97
CA GLY B 37 -15.84 7.68 -2.38
C GLY B 37 -16.79 6.55 -2.74
N GLU B 38 -16.28 5.51 -3.40
CA GLU B 38 -17.13 4.38 -3.74
C GLU B 38 -17.49 3.57 -2.51
N LEU B 39 -16.54 3.43 -1.58
CA LEU B 39 -16.82 2.76 -0.31
C LEU B 39 -17.90 3.49 0.47
N LYS B 40 -17.86 4.83 0.47
CA LYS B 40 -18.91 5.60 1.12
C LYS B 40 -20.26 5.37 0.46
N GLU B 41 -20.28 5.27 -0.88
CA GLU B 41 -21.50 4.89 -1.58
C GLU B 41 -22.00 3.53 -1.11
N LEU B 42 -21.09 2.57 -0.97
CA LEU B 42 -21.48 1.23 -0.54
C LEU B 42 -22.02 1.23 0.88
N LEU B 43 -21.28 1.86 1.81
CA LEU B 43 -21.67 1.81 3.22
C LEU B 43 -22.99 2.55 3.45
N THR B 44 -23.24 3.61 2.68
CA THR B 44 -24.50 4.34 2.81
C THR B 44 -25.69 3.44 2.51
N ALA B 45 -25.57 2.59 1.49
CA ALA B 45 -26.68 1.75 1.07
C ALA B 45 -26.72 0.39 1.77
N GLU B 46 -25.56 -0.13 2.17
CA GLU B 46 -25.50 -1.47 2.75
C GLU B 46 -25.37 -1.47 4.27
N MET B 47 -24.91 -0.38 4.87
CA MET B 47 -24.72 -0.28 6.31
C MET B 47 -25.37 0.99 6.85
N SER B 48 -26.63 1.24 6.43
CA SER B 48 -27.31 2.46 6.83
C SER B 48 -27.57 2.51 8.33
N ASP B 49 -27.77 1.35 8.96
CA ASP B 49 -28.04 1.31 10.39
C ASP B 49 -26.86 1.77 11.24
N VAL B 50 -25.69 2.00 10.63
CA VAL B 50 -24.50 2.39 11.37
C VAL B 50 -23.72 3.41 10.56
N PHE B 51 -24.14 3.66 9.31
CA PHE B 51 -23.51 4.64 8.44
C PHE B 51 -24.57 5.43 7.68
N GLY B 52 -25.39 6.19 8.42
CA GLY B 52 -26.23 7.17 7.77
C GLY B 52 -25.39 8.39 7.44
N LYS B 53 -26.02 9.53 7.20
CA LYS B 53 -25.30 10.80 7.14
C LYS B 53 -25.19 11.46 8.51
N THR B 54 -25.42 10.69 9.58
CA THR B 54 -25.28 11.14 10.95
C THR B 54 -23.87 10.95 11.49
N THR B 55 -23.10 10.06 10.89
CA THR B 55 -21.80 9.65 11.40
C THR B 55 -20.77 10.74 11.17
N ASP B 56 -19.79 10.82 12.08
CA ASP B 56 -18.71 11.79 11.97
C ASP B 56 -18.02 11.69 10.61
N LYS B 57 -17.71 10.47 10.18
CA LYS B 57 -16.99 10.16 8.94
C LYS B 57 -15.48 10.35 9.07
N ALA B 58 -15.03 11.07 10.09
CA ALA B 58 -13.62 11.03 10.44
C ALA B 58 -13.21 9.64 10.92
N SER B 59 -14.16 8.87 11.45
CA SER B 59 -13.88 7.48 11.79
C SER B 59 -13.63 6.65 10.53
N LEU B 60 -14.42 6.89 9.48
CA LEU B 60 -14.20 6.19 8.22
C LEU B 60 -12.84 6.54 7.63
N ASP B 61 -12.48 7.83 7.67
CA ASP B 61 -11.19 8.26 7.12
C ASP B 61 -10.03 7.59 7.84
N ASN B 62 -10.10 7.51 9.17
CA ASN B 62 -9.02 6.88 9.93
C ASN B 62 -8.94 5.38 9.62
N ILE B 63 -10.09 4.70 9.63
CA ILE B 63 -10.08 3.26 9.34
C ILE B 63 -9.68 3.02 7.89
N PHE B 64 -10.14 3.87 6.97
CA PHE B 64 -9.76 3.71 5.58
C PHE B 64 -8.25 3.92 5.39
N LYS B 65 -7.72 4.97 6.01
CA LYS B 65 -6.28 5.20 5.97
C LYS B 65 -5.51 3.99 6.47
N ASP B 66 -5.98 3.39 7.56
CA ASP B 66 -5.29 2.24 8.13
C ASP B 66 -5.40 1.02 7.22
N LEU B 67 -6.52 0.85 6.51
CA LEU B 67 -6.74 -0.31 5.67
C LEU B 67 -6.14 -0.17 4.28
N ASP B 68 -6.15 1.04 3.72
CA ASP B 68 -5.53 1.31 2.42
C ASP B 68 -4.02 1.22 2.59
N ALA B 69 -3.50 -0.01 2.51
CA ALA B 69 -2.11 -0.27 2.87
C ALA B 69 -1.13 0.43 1.94
N ASN B 70 -1.47 0.54 0.66
CA ASN B 70 -0.57 1.18 -0.29
C ASN B 70 -0.81 2.67 -0.45
N ALA B 71 -1.78 3.23 0.29
CA ALA B 71 -2.04 4.66 0.30
C ALA B 71 -2.36 5.22 -1.08
N ASP B 72 -3.00 4.42 -1.93
CA ASP B 72 -3.38 4.89 -3.26
C ASP B 72 -4.80 5.43 -3.31
N GLY B 73 -5.51 5.43 -2.19
CA GLY B 73 -6.88 5.91 -2.12
C GLY B 73 -7.94 4.86 -2.38
N SER B 74 -7.55 3.60 -2.56
CA SER B 74 -8.50 2.53 -2.86
C SER B 74 -8.15 1.30 -2.02
N VAL B 75 -9.17 0.46 -1.78
CA VAL B 75 -8.99 -0.81 -1.08
C VAL B 75 -9.38 -1.95 -2.02
N ASP B 76 -8.72 -3.09 -1.88
CA ASP B 76 -9.11 -4.26 -2.64
C ASP B 76 -10.16 -5.04 -1.86
N PHE B 77 -10.55 -6.20 -2.40
CA PHE B 77 -11.65 -6.94 -1.79
C PHE B 77 -11.27 -7.45 -0.41
N GLN B 78 -10.03 -7.92 -0.25
CA GLN B 78 -9.61 -8.43 1.05
C GLN B 78 -9.62 -7.33 2.12
N GLU B 79 -9.17 -6.12 1.73
CA GLU B 79 -9.22 -5.00 2.65
C GLU B 79 -10.66 -4.60 2.94
N TYR B 80 -11.50 -4.60 1.91
CA TYR B 80 -12.91 -4.25 2.09
C TYR B 80 -13.60 -5.19 3.08
N ILE B 81 -13.42 -6.50 2.90
CA ILE B 81 -14.11 -7.44 3.78
C ILE B 81 -13.58 -7.38 5.20
N THR B 82 -12.29 -7.05 5.37
CA THR B 82 -11.75 -6.83 6.70
C THR B 82 -12.46 -5.67 7.38
N LEU B 83 -12.76 -4.61 6.62
CA LEU B 83 -13.51 -3.48 7.17
C LEU B 83 -14.92 -3.92 7.59
N ILE B 84 -15.64 -4.58 6.67
CA ILE B 84 -17.03 -4.95 6.94
C ILE B 84 -17.12 -5.81 8.20
N ALA B 85 -16.21 -6.78 8.32
CA ALA B 85 -16.23 -7.65 9.50
C ALA B 85 -15.94 -6.86 10.76
N CYS B 86 -14.96 -5.96 10.70
CA CYS B 86 -14.61 -5.17 11.87
C CYS B 86 -15.74 -4.21 12.26
N ILE B 87 -16.41 -3.61 11.28
CA ILE B 87 -17.56 -2.76 11.58
C ILE B 87 -18.63 -3.56 12.32
N THR B 88 -18.85 -4.80 11.91
CA THR B 88 -19.89 -5.61 12.51
C THR B 88 -19.48 -6.09 13.90
N MET B 89 -18.22 -6.46 14.09
CA MET B 89 -17.74 -7.07 15.32
C MET B 89 -17.06 -6.09 16.25
N LEU B 90 -16.80 -4.86 15.82
CA LEU B 90 -16.00 -3.90 16.58
C LEU B 90 -14.68 -4.51 17.03
N CYS B 91 -13.89 -4.96 16.05
CA CYS B 91 -12.55 -5.45 16.32
CA CYS B 91 -12.58 -5.47 16.40
C CYS B 91 -11.69 -4.31 16.86
N ASN B 92 -10.57 -4.67 17.49
CA ASN B 92 -9.70 -3.67 18.09
C ASN B 92 -8.76 -2.99 17.10
N GLU B 93 -9.05 -3.05 15.81
CA GLU B 93 -8.22 -2.35 14.82
C GLU B 93 -8.69 -0.91 14.65
MG MG C . 23.03 4.84 6.81
MG MG D . -5.07 0.92 -1.70
#